data_7ESG
#
_entry.id   7ESG
#
_cell.length_a   58.058
_cell.length_b   93.910
_cell.length_c   93.632
_cell.angle_alpha   90.000
_cell.angle_beta   90.000
_cell.angle_gamma   90.000
#
_symmetry.space_group_name_H-M   'P 21 21 21'
#
loop_
_entity.id
_entity.type
_entity.pdbx_description
1 polymer 'Glutathione S-transferase,Protein-glutamate methylesterase/protein-glutamine glutaminase'
2 water water
#
_entity_poly.entity_id   1
_entity_poly.type   'polypeptide(L)'
_entity_poly.pdbx_seq_one_letter_code
;MSPILGYWKIKGLVQPTRLLLEYLEEKYEEHLYERDEGDKWRNKKFELGLEFPNLPYYIDGDVKLTQSMAIIRYIADKHN
MLGGCPKERAEISMLEGAVLDIRYGVSRIAYSKDFETLKVDFLSKLPEMLKMFEDRLCHKTYLNGDHVTHPDFMLYDALD
VVLYMDPMCLDAFPKLVCFKKRIEAIPQIDKYLKSSKYIAWPLQGWQATFGGGDHPPKSDLVPRGSPEFMADGVRAVVAD
DSHFMRSVISDILSDGGIDVVAQARDGEEAVSAVIEHRPDVVTMDVEMPVMNGIEATERIMAESPTPVLMLSAHTDENAD
VTFEALDKGAVDFFTKPGGEVSMEMSRLKDQLVEMVSSVAAVDVGATGSRSGTGSDSGTAPTTAGGSATDRRGTGGSSGQ
TTYVANPTLVIGSSTGGPKMVEQVMENLPIEADLRVLIIQHMPEGFTGRFAERINTRSDYEVQEATDGARIGGGEGLVAA
GDRHMEVKNYRNGRLRTKLTQDEPVNSVRPAVDVTMQTAAETIDDPLVGLILTGMGEDGADGIRRIKQAGGKTIAQDEAT
SAVYGMPKRAAETGCVDTVLPIDDIADGVIDTITTEVT
;
_entity_poly.pdbx_strand_id   A
#
# COMPACT_ATOMS: atom_id res chain seq x y z
N MET A 1 -20.46 13.25 -9.57
CA MET A 1 -20.23 12.59 -8.28
C MET A 1 -18.75 12.30 -8.06
N SER A 2 -18.23 12.74 -6.93
CA SER A 2 -16.83 12.57 -6.57
C SER A 2 -16.63 11.72 -5.31
N PRO A 3 -17.55 11.73 -4.34
CA PRO A 3 -17.45 10.71 -3.27
C PRO A 3 -17.54 9.28 -3.80
N ILE A 4 -17.81 9.11 -5.09
CA ILE A 4 -17.79 7.80 -5.71
C ILE A 4 -16.40 7.17 -5.64
N LEU A 5 -15.36 7.97 -5.45
CA LEU A 5 -14.04 7.42 -5.19
C LEU A 5 -14.03 6.58 -3.92
N GLY A 6 -14.57 7.14 -2.83
CA GLY A 6 -14.80 6.35 -1.64
C GLY A 6 -15.78 5.21 -1.87
N TYR A 7 -16.69 5.39 -2.82
CA TYR A 7 -17.58 4.29 -3.22
C TYR A 7 -16.85 3.30 -4.11
N TRP A 8 -15.84 3.75 -4.87
CA TRP A 8 -15.02 2.87 -5.70
C TRP A 8 -14.05 2.03 -4.89
N LYS A 9 -14.24 1.98 -3.57
CA LYS A 9 -13.40 1.19 -2.68
C LYS A 9 -14.25 0.40 -1.70
N ILE A 10 -14.55 1.00 -0.55
CA ILE A 10 -15.29 0.33 0.50
C ILE A 10 -16.71 0.87 0.60
N GLY A 12 -14.74 -3.02 -4.21
CA GLY A 12 -13.91 -4.20 -4.23
C GLY A 12 -13.04 -4.34 -2.99
N LEU A 13 -13.21 -3.43 -2.04
CA LEU A 13 -12.45 -3.44 -0.80
C LEU A 13 -13.07 -4.31 0.28
N VAL A 14 -13.99 -5.19 -0.09
CA VAL A 14 -14.45 -6.22 0.83
C VAL A 14 -13.58 -7.47 0.72
N GLN A 15 -12.96 -7.70 -0.44
CA GLN A 15 -12.05 -8.82 -0.61
C GLN A 15 -10.80 -8.69 0.24
N PRO A 16 -10.13 -7.54 0.29
CA PRO A 16 -9.00 -7.40 1.24
C PRO A 16 -9.44 -7.51 2.69
N THR A 17 -10.67 -7.13 2.99
CA THR A 17 -11.21 -7.19 4.35
C THR A 17 -11.41 -8.64 4.76
N ARG A 18 -12.64 -9.15 4.61
CA ARG A 18 -12.97 -10.52 5.01
C ARG A 18 -12.28 -11.48 4.05
N LEU A 19 -10.98 -11.65 4.28
CA LEU A 19 -10.16 -12.55 3.48
C LEU A 19 -9.38 -13.54 4.31
N LEU A 20 -8.91 -13.14 5.48
CA LEU A 20 -8.16 -14.06 6.32
C LEU A 20 -9.04 -14.83 7.29
N LEU A 21 -10.36 -14.64 7.26
CA LEU A 21 -11.23 -15.52 8.04
C LEU A 21 -11.17 -16.94 7.50
N GLU A 22 -11.04 -17.09 6.18
CA GLU A 22 -10.69 -18.39 5.62
C GLU A 22 -9.21 -18.71 5.82
N TYR A 23 -8.46 -17.82 6.47
CA TYR A 23 -7.17 -18.16 7.06
C TYR A 23 -7.30 -18.43 8.56
N LEU A 24 -8.52 -18.60 9.06
CA LEU A 24 -8.76 -19.12 10.41
C LEU A 24 -9.41 -20.49 10.40
N GLU A 25 -10.49 -20.67 9.62
CA GLU A 25 -11.08 -22.00 9.53
C GLU A 25 -10.20 -22.95 8.72
N GLU A 26 -9.41 -22.41 7.78
CA GLU A 26 -8.42 -23.21 7.07
C GLU A 26 -7.04 -23.11 7.70
N LYS A 27 -6.93 -22.53 8.91
CA LYS A 27 -5.68 -22.50 9.63
C LYS A 27 -5.83 -22.75 11.12
N TYR A 28 -7.04 -22.98 11.62
CA TYR A 28 -7.24 -23.51 12.96
C TYR A 28 -7.74 -24.95 12.96
N GLU A 29 -8.54 -25.34 11.95
CA GLU A 29 -8.77 -26.75 11.69
C GLU A 29 -7.48 -27.48 11.38
N GLU A 30 -6.37 -26.76 11.23
CA GLU A 30 -5.05 -27.35 11.15
C GLU A 30 -4.51 -27.70 12.54
N HIS A 31 -4.45 -26.70 13.43
CA HIS A 31 -4.19 -27.00 14.84
C HIS A 31 -5.32 -27.88 15.37
N LEU A 32 -5.33 -29.15 14.96
CA LEU A 32 -6.50 -29.99 15.14
C LEU A 32 -6.18 -31.44 14.83
N TYR A 33 -6.18 -31.78 13.54
CA TYR A 33 -5.74 -33.09 13.10
C TYR A 33 -4.23 -33.15 12.86
N GLU A 34 -3.52 -32.03 13.05
CA GLU A 34 -2.11 -32.11 13.37
C GLU A 34 -1.89 -32.75 14.73
N ARG A 35 -2.92 -32.75 15.58
CA ARG A 35 -2.97 -33.54 16.79
C ARG A 35 -3.67 -34.87 16.51
N ASP A 36 -3.63 -35.76 17.48
CA ASP A 36 -4.04 -37.14 17.25
C ASP A 36 -5.19 -37.54 18.18
N GLU A 37 -5.42 -38.86 18.26
CA GLU A 37 -6.55 -39.45 18.94
C GLU A 37 -6.48 -39.31 20.45
N GLY A 38 -5.53 -38.53 20.95
CA GLY A 38 -5.43 -38.28 22.37
C GLY A 38 -5.54 -36.80 22.68
N ASP A 39 -5.04 -35.98 21.76
CA ASP A 39 -5.24 -34.54 21.81
C ASP A 39 -6.58 -34.20 21.18
N LYS A 40 -7.65 -34.72 21.81
CA LYS A 40 -9.00 -34.61 21.29
C LYS A 40 -9.88 -33.63 22.05
N TRP A 41 -9.58 -33.35 23.32
CA TRP A 41 -10.35 -32.38 24.09
C TRP A 41 -9.42 -31.43 24.82
N ARG A 42 -8.65 -30.66 24.04
CA ARG A 42 -7.78 -29.61 24.57
C ARG A 42 -7.29 -28.68 23.48
N ASN A 43 -8.15 -28.31 22.52
CA ASN A 43 -7.75 -27.44 21.43
C ASN A 43 -8.95 -26.93 20.63
N LYS A 44 -9.53 -25.80 21.06
CA LYS A 44 -10.53 -25.14 20.25
C LYS A 44 -10.52 -23.64 20.50
N LYS A 45 -10.34 -23.23 21.76
CA LYS A 45 -10.35 -21.82 22.14
C LYS A 45 -9.31 -21.03 21.35
N PHE A 46 -9.56 -20.89 20.04
CA PHE A 46 -8.74 -20.14 19.10
C PHE A 46 -9.63 -19.04 18.56
N GLU A 47 -9.81 -17.99 19.36
CA GLU A 47 -10.86 -17.00 19.14
C GLU A 47 -10.86 -16.48 17.71
N LEU A 48 -11.98 -16.72 17.02
CA LEU A 48 -12.13 -16.27 15.64
C LEU A 48 -12.09 -14.75 15.61
N GLY A 49 -10.89 -14.18 15.75
CA GLY A 49 -10.73 -12.76 15.96
C GLY A 49 -10.83 -11.92 14.70
N LEU A 50 -11.82 -11.03 14.65
CA LEU A 50 -12.01 -10.14 13.52
C LEU A 50 -12.74 -8.88 13.95
N GLU A 51 -13.74 -8.45 13.19
CA GLU A 51 -14.55 -7.28 13.53
C GLU A 51 -15.85 -7.36 12.74
N PHE A 52 -16.96 -7.53 13.43
CA PHE A 52 -18.26 -7.78 12.79
C PHE A 52 -19.29 -6.77 13.26
N PRO A 53 -19.70 -5.81 12.42
CA PRO A 53 -20.91 -5.04 12.72
C PRO A 53 -22.13 -5.69 12.10
N ASN A 54 -21.92 -6.50 11.07
CA ASN A 54 -23.03 -7.22 10.45
C ASN A 54 -23.55 -8.34 11.34
N LEU A 55 -22.69 -8.90 12.18
CA LEU A 55 -23.03 -10.07 12.97
C LEU A 55 -22.29 -9.96 14.29
N PRO A 56 -22.58 -10.85 15.25
CA PRO A 56 -21.85 -10.83 16.51
C PRO A 56 -20.52 -11.59 16.40
N TYR A 57 -19.42 -10.85 16.53
CA TYR A 57 -18.06 -11.39 16.37
C TYR A 57 -17.01 -10.31 16.62
N TYR A 58 -16.11 -10.53 17.57
CA TYR A 58 -15.08 -9.53 17.87
C TYR A 58 -13.78 -10.22 18.27
N ILE A 59 -12.78 -9.38 18.58
CA ILE A 59 -11.52 -9.81 19.17
C ILE A 59 -11.65 -9.68 20.68
N ASP A 60 -11.13 -10.68 21.41
CA ASP A 60 -11.31 -10.75 22.86
C ASP A 60 -10.78 -9.52 23.59
N GLY A 61 -11.53 -8.42 23.54
CA GLY A 61 -11.20 -7.24 24.32
C GLY A 61 -10.58 -6.11 23.53
N ASP A 62 -9.47 -6.39 22.84
CA ASP A 62 -8.73 -5.34 22.15
C ASP A 62 -9.45 -4.84 20.91
N VAL A 63 -10.30 -3.81 21.08
CA VAL A 63 -10.82 -3.10 19.91
C VAL A 63 -9.78 -2.16 19.33
N LYS A 64 -8.69 -1.88 20.05
CA LYS A 64 -7.63 -1.04 19.49
C LYS A 64 -6.94 -1.75 18.33
N LEU A 65 -6.56 -3.01 18.52
CA LEU A 65 -5.86 -3.75 17.48
C LEU A 65 -6.74 -4.01 16.26
N THR A 66 -8.06 -3.96 16.41
CA THR A 66 -8.95 -4.02 15.26
C THR A 66 -9.13 -2.66 14.60
N GLN A 67 -8.92 -1.56 15.34
CA GLN A 67 -8.75 -0.27 14.71
C GLN A 67 -7.31 -0.07 14.25
N SER A 68 -6.35 -0.57 15.03
CA SER A 68 -4.95 -0.50 14.62
C SER A 68 -4.72 -1.24 13.32
N MET A 69 -5.53 -2.25 13.03
CA MET A 69 -5.51 -2.88 11.71
C MET A 69 -6.33 -2.12 10.69
N ALA A 70 -6.99 -1.03 11.09
CA ALA A 70 -7.62 -0.10 10.17
C ALA A 70 -6.78 1.15 9.93
N ILE A 71 -5.88 1.49 10.85
CA ILE A 71 -4.89 2.54 10.65
C ILE A 71 -3.83 2.05 9.68
N ILE A 72 -4.25 1.43 8.59
CA ILE A 72 -3.37 0.53 7.84
C ILE A 72 -3.83 0.35 6.41
N ARG A 73 -5.12 0.09 6.21
CA ARG A 73 -5.62 -0.22 4.88
C ARG A 73 -5.76 1.02 4.01
N TYR A 74 -5.76 2.21 4.60
CA TYR A 74 -5.83 3.45 3.83
C TYR A 74 -4.66 3.54 2.86
N ILE A 75 -3.44 3.57 3.40
CA ILE A 75 -2.25 3.68 2.55
C ILE A 75 -2.05 2.43 1.71
N ALA A 76 -2.31 1.24 2.28
CA ALA A 76 -2.12 -0.01 1.55
C ALA A 76 -2.93 -0.06 0.27
N ASP A 77 -4.01 0.71 0.18
CA ASP A 77 -4.85 0.78 -1.03
C ASP A 77 -4.73 2.09 -1.78
N LYS A 78 -4.66 3.22 -1.08
CA LYS A 78 -4.47 4.50 -1.73
C LYS A 78 -3.00 4.75 -2.08
N HIS A 79 -2.15 3.74 -1.96
CA HIS A 79 -0.80 3.79 -2.50
C HIS A 79 -0.49 2.63 -3.44
N ASN A 80 -1.35 1.61 -3.50
CA ASN A 80 -1.24 0.49 -4.43
C ASN A 80 0.10 -0.23 -4.29
N MET A 81 0.17 -1.16 -3.34
CA MET A 81 1.37 -1.92 -3.08
C MET A 81 1.43 -3.22 -3.88
N LEU A 82 0.28 -3.73 -4.32
CA LEU A 82 0.22 -5.01 -5.02
C LEU A 82 0.28 -4.83 -6.54
N GLY A 83 -0.52 -3.92 -7.09
CA GLY A 83 -0.55 -3.70 -8.52
C GLY A 83 0.71 -3.06 -9.06
N GLY A 84 1.83 -3.77 -8.97
CA GLY A 84 3.10 -3.25 -9.43
C GLY A 84 4.14 -4.33 -9.67
N CYS A 85 4.92 -4.65 -8.64
CA CYS A 85 5.94 -5.67 -8.76
C CYS A 85 5.70 -6.79 -7.75
N PRO A 86 6.07 -8.03 -8.09
CA PRO A 86 5.84 -9.15 -7.17
C PRO A 86 6.66 -9.06 -5.89
N LYS A 87 7.75 -8.31 -5.88
CA LYS A 87 8.55 -8.11 -4.68
C LYS A 87 8.05 -6.97 -3.82
N GLU A 88 7.11 -6.17 -4.31
CA GLU A 88 6.56 -5.08 -3.52
C GLU A 88 5.63 -5.54 -2.42
N ARG A 89 5.31 -6.83 -2.35
CA ARG A 89 4.38 -7.38 -1.36
C ARG A 89 5.06 -8.42 -0.48
N ALA A 90 6.29 -8.16 -0.05
CA ALA A 90 7.05 -9.11 0.78
C ALA A 90 6.75 -8.92 2.26
N GLU A 91 7.24 -7.82 2.84
CA GLU A 91 7.01 -7.47 4.24
C GLU A 91 5.54 -7.13 4.48
N ILE A 92 4.62 -7.93 3.95
CA ILE A 92 3.24 -7.52 3.80
C ILE A 92 2.30 -8.72 3.93
N SER A 93 2.63 -9.82 3.26
CA SER A 93 1.94 -11.08 3.52
C SER A 93 2.45 -11.74 4.79
N MET A 94 3.65 -11.40 5.23
CA MET A 94 4.18 -11.85 6.52
C MET A 94 4.05 -10.80 7.60
N LEU A 95 3.75 -9.55 7.24
CA LEU A 95 3.37 -8.54 8.22
C LEU A 95 1.89 -8.61 8.56
N GLU A 96 1.10 -9.37 7.79
CA GLU A 96 -0.21 -9.80 8.28
C GLU A 96 -0.07 -10.52 9.61
N GLY A 97 0.76 -11.56 9.63
CA GLY A 97 1.06 -12.28 10.84
C GLY A 97 1.75 -11.44 11.90
N ALA A 98 2.27 -10.27 11.54
CA ALA A 98 2.90 -9.41 12.54
C ALA A 98 1.86 -8.91 13.53
N VAL A 99 1.03 -7.95 13.12
CA VAL A 99 -0.02 -7.45 14.01
C VAL A 99 -0.90 -8.60 14.49
N LEU A 100 -1.10 -9.62 13.65
CA LEU A 100 -1.72 -10.85 14.11
C LEU A 100 -0.98 -11.42 15.31
N ASP A 101 0.32 -11.70 15.14
CA ASP A 101 1.15 -12.19 16.24
C ASP A 101 1.79 -11.07 17.04
N ILE A 102 1.39 -9.82 16.81
CA ILE A 102 1.62 -8.77 17.79
C ILE A 102 0.44 -8.70 18.75
N ARG A 103 -0.77 -9.02 18.28
CA ARG A 103 -1.86 -9.34 19.20
C ARG A 103 -1.81 -10.79 19.64
N TYR A 104 -1.15 -11.66 18.87
CA TYR A 104 -0.71 -12.98 19.33
C TYR A 104 0.73 -12.91 19.81
N GLY A 105 1.09 -11.83 20.51
CA GLY A 105 2.45 -11.62 20.96
C GLY A 105 2.60 -10.50 21.98
N VAL A 106 1.86 -9.41 21.80
CA VAL A 106 1.88 -8.30 22.76
C VAL A 106 0.48 -8.13 23.33
N SER A 107 -0.21 -9.25 23.58
CA SER A 107 -1.47 -9.24 24.29
C SER A 107 -1.43 -10.12 25.53
N ARG A 108 -0.25 -10.59 25.92
CA ARG A 108 -0.04 -11.14 27.26
C ARG A 108 0.89 -10.27 28.08
N ILE A 109 1.53 -9.27 27.46
CA ILE A 109 2.08 -8.14 28.20
C ILE A 109 0.97 -7.26 28.76
N ALA A 110 -0.28 -7.55 28.38
CA ALA A 110 -1.45 -6.96 29.01
C ALA A 110 -2.10 -7.89 30.03
N TYR A 111 -2.22 -9.17 29.70
CA TYR A 111 -2.82 -10.16 30.60
C TYR A 111 -1.96 -10.32 31.85
N SER A 112 -0.75 -10.86 31.68
CA SER A 112 0.15 -11.07 32.80
C SER A 112 0.36 -9.79 33.59
N LYS A 113 0.36 -8.65 32.91
CA LYS A 113 0.48 -7.36 33.59
C LYS A 113 -0.85 -6.85 34.12
N ASP A 114 -1.95 -7.57 33.86
CA ASP A 114 -3.21 -7.30 34.53
C ASP A 114 -3.44 -8.21 35.73
N PHE A 115 -2.87 -9.42 35.73
CA PHE A 115 -2.71 -10.14 36.98
C PHE A 115 -1.54 -9.60 37.81
N GLU A 116 -0.71 -8.74 37.21
CA GLU A 116 0.27 -7.99 38.00
C GLU A 116 -0.38 -6.81 38.70
N THR A 117 -1.15 -6.02 37.95
CA THR A 117 -1.85 -4.88 38.53
C THR A 117 -2.97 -5.32 39.47
N LEU A 118 -3.49 -6.53 39.31
CA LEU A 118 -4.45 -7.07 40.26
C LEU A 118 -3.80 -7.85 41.39
N LYS A 119 -2.50 -8.17 41.27
CA LYS A 119 -1.77 -8.75 42.39
C LYS A 119 -1.32 -7.67 43.35
N VAL A 120 -0.92 -6.50 42.82
CA VAL A 120 -0.40 -5.45 43.68
C VAL A 120 -1.50 -4.91 44.60
N ASP A 121 -2.72 -4.75 44.08
CA ASP A 121 -3.80 -4.20 44.90
C ASP A 121 -4.28 -5.23 45.92
N PHE A 122 -4.38 -6.49 45.52
CA PHE A 122 -4.70 -7.54 46.49
C PHE A 122 -3.64 -7.63 47.57
N LEU A 123 -2.41 -7.24 47.26
CA LEU A 123 -1.33 -7.19 48.23
C LEU A 123 -0.93 -5.76 48.57
N SER A 124 -1.74 -4.76 48.19
CA SER A 124 -1.64 -3.42 48.75
C SER A 124 -2.64 -3.17 49.86
N LYS A 125 -3.72 -3.94 49.89
CA LYS A 125 -4.62 -4.00 51.04
C LYS A 125 -4.32 -5.18 51.95
N LEU A 126 -3.50 -6.13 51.50
CA LEU A 126 -3.04 -7.25 52.33
C LEU A 126 -2.16 -6.75 53.48
N PRO A 127 -1.40 -5.66 53.32
CA PRO A 127 -0.85 -5.01 54.52
C PRO A 127 -1.91 -4.45 55.43
N GLU A 128 -3.10 -4.17 54.91
CA GLU A 128 -4.21 -3.63 55.68
C GLU A 128 -5.25 -4.69 56.02
N MET A 129 -4.91 -5.97 55.90
CA MET A 129 -5.68 -7.02 56.57
C MET A 129 -4.99 -7.48 57.84
N LEU A 130 -3.65 -7.55 57.83
CA LEU A 130 -2.91 -7.71 59.07
C LEU A 130 -3.05 -6.47 59.93
N LYS A 131 -2.91 -5.29 59.31
CA LYS A 131 -3.20 -4.04 60.00
C LYS A 131 -4.68 -3.88 60.29
N MET A 132 -5.53 -4.74 59.73
CA MET A 132 -6.92 -4.88 60.16
C MET A 132 -7.15 -6.24 60.82
N PHE A 133 -6.09 -6.81 61.41
CA PHE A 133 -6.18 -8.02 62.22
C PHE A 133 -5.45 -7.77 63.53
N GLU A 134 -4.22 -7.25 63.42
CA GLU A 134 -3.46 -6.81 64.59
C GLU A 134 -4.30 -5.87 65.46
N ASP A 135 -4.77 -4.79 64.86
CA ASP A 135 -5.61 -3.81 65.54
C ASP A 135 -7.04 -4.30 65.76
N ARG A 136 -7.31 -5.60 65.53
CA ARG A 136 -8.59 -6.21 65.87
C ARG A 136 -8.48 -7.20 67.00
N LEU A 137 -7.27 -7.50 67.48
CA LEU A 137 -7.04 -8.54 68.47
C LEU A 137 -6.57 -7.98 69.82
N CYS A 138 -6.71 -6.68 70.04
CA CYS A 138 -6.24 -6.06 71.27
C CYS A 138 -7.22 -5.00 71.73
N HIS A 139 -8.50 -5.33 71.72
CA HIS A 139 -9.53 -4.44 72.23
C HIS A 139 -10.55 -5.11 73.13
N LYS A 140 -10.80 -6.41 72.98
CA LYS A 140 -11.39 -7.17 74.06
C LYS A 140 -10.40 -7.46 75.17
N THR A 141 -9.11 -7.17 74.94
CA THR A 141 -8.13 -7.22 76.01
C THR A 141 -8.36 -6.13 77.05
N TYR A 142 -9.02 -5.04 76.66
CA TYR A 142 -9.53 -4.05 77.60
C TYR A 142 -11.03 -4.18 77.84
N LEU A 143 -11.72 -4.97 77.00
CA LEU A 143 -13.13 -5.28 77.24
C LEU A 143 -13.25 -6.41 78.27
N ASN A 144 -12.81 -7.60 77.89
CA ASN A 144 -12.91 -8.77 78.74
C ASN A 144 -12.14 -8.55 80.05
N GLY A 145 -12.59 -9.24 81.10
CA GLY A 145 -11.93 -9.15 82.38
C GLY A 145 -10.58 -9.83 82.39
N ASP A 146 -9.64 -9.27 81.63
CA ASP A 146 -8.28 -9.79 81.50
C ASP A 146 -8.23 -11.15 80.80
N HIS A 147 -9.17 -11.42 79.89
CA HIS A 147 -9.05 -12.60 79.05
C HIS A 147 -7.85 -12.43 78.14
N VAL A 148 -6.88 -13.34 78.31
CA VAL A 148 -5.55 -13.13 77.76
C VAL A 148 -5.50 -13.59 76.30
N THR A 149 -5.41 -14.90 76.08
CA THR A 149 -5.11 -15.54 74.79
C THR A 149 -4.08 -14.79 73.94
N HIS A 150 -4.10 -13.45 73.96
CA HIS A 150 -3.10 -12.53 73.41
C HIS A 150 -3.14 -12.48 71.89
N PRO A 151 -2.75 -11.35 71.30
CA PRO A 151 -2.93 -11.16 69.85
C PRO A 151 -1.79 -11.71 69.00
N ASP A 152 -0.56 -11.48 69.45
CA ASP A 152 0.60 -11.72 68.57
C ASP A 152 0.80 -13.21 68.30
N PHE A 153 0.67 -14.04 69.33
CA PHE A 153 0.77 -15.48 69.09
C PHE A 153 -0.42 -16.00 68.29
N MET A 154 -1.54 -15.30 68.32
CA MET A 154 -2.66 -15.57 67.44
C MET A 154 -2.58 -14.75 66.15
N LEU A 155 -1.40 -14.26 65.80
CA LEU A 155 -1.19 -13.46 64.59
C LEU A 155 -0.27 -14.14 63.59
N TYR A 156 0.82 -14.74 64.03
CA TYR A 156 1.77 -15.37 63.11
C TYR A 156 1.20 -16.58 62.39
N ASP A 157 -0.04 -16.97 62.68
CA ASP A 157 -0.72 -17.94 61.82
C ASP A 157 -1.04 -17.33 60.47
N ALA A 158 -1.25 -16.01 60.42
CA ALA A 158 -1.50 -15.34 59.15
C ALA A 158 -0.23 -15.25 58.32
N LEU A 159 0.80 -14.57 58.85
CA LEU A 159 2.05 -14.40 58.12
C LEU A 159 2.67 -15.73 57.72
N ASP A 160 2.36 -16.82 58.43
CA ASP A 160 2.67 -18.14 57.92
C ASP A 160 1.86 -18.44 56.67
N VAL A 161 0.53 -18.28 56.76
CA VAL A 161 -0.36 -18.60 55.65
C VAL A 161 -0.23 -17.58 54.52
N VAL A 162 0.10 -16.33 54.85
CA VAL A 162 0.19 -15.29 53.83
C VAL A 162 1.22 -15.65 52.77
N LEU A 163 2.40 -16.14 53.20
CA LEU A 163 3.41 -16.58 52.25
C LEU A 163 3.34 -18.08 51.97
N TYR A 164 2.58 -18.84 52.77
CA TYR A 164 2.22 -20.20 52.37
C TYR A 164 1.28 -20.21 51.17
N MET A 165 0.72 -19.06 50.81
CA MET A 165 -0.11 -18.95 49.63
C MET A 165 0.68 -19.33 48.38
N ASP A 166 -0.03 -19.82 47.38
CA ASP A 166 0.56 -20.22 46.11
C ASP A 166 -0.01 -19.29 45.04
N PRO A 167 0.47 -19.35 43.79
CA PRO A 167 -0.13 -18.52 42.74
C PRO A 167 -1.64 -18.68 42.64
N MET A 168 -2.18 -19.86 42.97
CA MET A 168 -3.63 -20.03 43.02
C MET A 168 -4.29 -19.05 43.98
N CYS A 169 -3.50 -18.45 44.89
CA CYS A 169 -3.95 -17.35 45.73
C CYS A 169 -3.12 -16.10 45.60
N LEU A 170 -1.90 -16.20 45.06
CA LEU A 170 -1.00 -15.06 44.93
C LEU A 170 -0.74 -14.67 43.47
N ASP A 171 -1.45 -15.28 42.53
CA ASP A 171 -1.30 -14.91 41.12
C ASP A 171 -2.55 -15.33 40.33
N ALA A 172 -3.23 -16.39 40.78
CA ALA A 172 -4.44 -16.84 40.13
C ALA A 172 -5.71 -16.39 40.84
N PHE A 173 -5.65 -16.07 42.13
CA PHE A 173 -6.80 -15.45 42.77
C PHE A 173 -6.88 -13.98 42.35
N PRO A 174 -5.76 -13.26 42.24
CA PRO A 174 -5.79 -12.01 41.46
C PRO A 174 -6.05 -12.21 39.98
N LYS A 175 -6.15 -13.46 39.53
CA LYS A 175 -6.50 -13.79 38.15
C LYS A 175 -7.91 -14.33 38.00
N LEU A 176 -8.43 -15.02 39.02
CA LEU A 176 -9.82 -15.44 39.12
C LEU A 176 -10.78 -14.26 39.37
N VAL A 177 -10.32 -13.02 39.20
CA VAL A 177 -11.12 -11.82 39.45
C VAL A 177 -11.26 -10.96 38.21
N CYS A 178 -10.15 -10.67 37.53
CA CYS A 178 -10.18 -9.79 36.37
C CYS A 178 -11.15 -10.30 35.32
N PHE A 179 -11.03 -11.58 34.95
CA PHE A 179 -11.99 -12.18 34.03
C PHE A 179 -13.29 -12.56 34.71
N LYS A 180 -13.30 -12.61 36.05
CA LYS A 180 -14.56 -12.67 36.78
C LYS A 180 -15.24 -11.31 36.78
N LYS A 181 -14.47 -10.24 36.96
CA LYS A 181 -14.98 -8.90 36.71
C LYS A 181 -15.25 -8.64 35.24
N ARG A 182 -14.77 -9.52 34.35
CA ARG A 182 -15.13 -9.43 32.94
C ARG A 182 -16.56 -9.88 32.70
N ILE A 183 -17.10 -10.74 33.57
CA ILE A 183 -18.54 -11.01 33.56
C ILE A 183 -19.34 -9.78 33.93
N GLU A 184 -18.68 -8.78 34.51
CA GLU A 184 -19.28 -7.48 34.79
C GLU A 184 -18.82 -6.41 33.80
N ALA A 185 -18.35 -6.83 32.61
CA ALA A 185 -17.73 -5.89 31.69
C ALA A 185 -18.15 -6.13 30.24
N ILE A 186 -18.12 -7.38 29.78
CA ILE A 186 -18.44 -7.68 28.38
C ILE A 186 -19.89 -7.35 28.04
N PRO A 187 -20.79 -7.06 29.01
CA PRO A 187 -21.98 -6.28 28.64
C PRO A 187 -21.62 -5.04 27.84
N GLN A 188 -21.08 -4.02 28.50
CA GLN A 188 -20.84 -2.73 27.88
C GLN A 188 -19.80 -2.77 26.77
N ILE A 189 -19.18 -3.90 26.49
CA ILE A 189 -18.38 -4.03 25.28
C ILE A 189 -19.22 -4.58 24.13
N ASP A 190 -20.32 -5.27 24.42
CA ASP A 190 -21.28 -5.70 23.42
C ASP A 190 -22.55 -4.85 23.44
N LYS A 191 -22.55 -3.75 24.19
CA LYS A 191 -23.64 -2.78 24.15
C LYS A 191 -23.32 -1.56 23.30
N TYR A 192 -22.04 -1.35 22.96
CA TYR A 192 -21.64 -0.20 22.16
C TYR A 192 -22.04 -0.34 20.70
N LEU A 193 -22.26 -1.57 20.22
CA LEU A 193 -22.42 -1.84 18.80
C LEU A 193 -23.68 -2.65 18.50
N LYS A 194 -24.50 -2.95 19.52
CA LYS A 194 -25.76 -3.66 19.35
C LYS A 194 -26.97 -2.76 19.59
N SER A 195 -27.03 -2.10 20.75
CA SER A 195 -28.11 -1.16 21.04
C SER A 195 -27.96 0.14 20.27
N SER A 196 -27.00 0.14 19.35
CA SER A 196 -26.72 1.29 18.49
C SER A 196 -26.21 0.76 17.15
N LYS A 197 -26.63 1.41 16.08
CA LYS A 197 -26.17 1.10 14.73
C LYS A 197 -25.13 2.09 14.23
N TYR A 198 -24.54 2.86 15.15
CA TYR A 198 -23.71 4.01 14.81
C TYR A 198 -22.25 3.76 15.15
N ILE A 199 -21.84 2.49 15.08
CA ILE A 199 -20.43 2.13 15.04
C ILE A 199 -19.90 2.09 13.61
N ALA A 200 -20.77 1.80 12.64
CA ALA A 200 -20.35 1.92 11.24
C ALA A 200 -20.24 3.38 10.86
N TRP A 201 -20.96 4.26 11.55
CA TRP A 201 -20.81 5.70 11.33
C TRP A 201 -19.36 6.15 11.43
N PRO A 202 -18.60 5.82 12.48
CA PRO A 202 -17.15 6.06 12.41
C PRO A 202 -16.44 5.08 11.49
N LEU A 203 -16.96 3.85 11.33
CA LEU A 203 -16.28 2.87 10.50
C LEU A 203 -16.43 3.19 9.02
N GLN A 204 -17.67 3.35 8.54
CA GLN A 204 -17.87 3.81 7.18
C GLN A 204 -17.39 5.24 6.97
N GLY A 205 -16.91 5.89 8.04
CA GLY A 205 -16.20 7.15 7.94
C GLY A 205 -14.72 6.96 8.21
N TRP A 206 -14.33 5.74 8.59
CA TRP A 206 -12.92 5.40 8.78
C TRP A 206 -12.25 4.96 7.49
N GLN A 207 -12.98 4.92 6.38
CA GLN A 207 -12.40 4.67 5.06
C GLN A 207 -11.78 5.93 4.45
N ALA A 208 -11.49 6.94 5.28
CA ALA A 208 -10.94 8.20 4.76
C ALA A 208 -10.02 8.87 5.78
N THR A 209 -9.41 8.08 6.66
CA THR A 209 -8.45 8.59 7.64
C THR A 209 -7.54 7.45 8.07
N PHE A 210 -6.67 7.74 9.04
CA PHE A 210 -5.78 6.76 9.66
C PHE A 210 -4.67 6.31 8.70
N GLY A 211 -3.44 6.19 9.20
CA GLY A 211 -2.32 5.83 8.34
C GLY A 211 -1.34 4.83 8.93
N GLY A 212 -0.95 3.84 8.14
CA GLY A 212 0.04 2.85 8.51
C GLY A 212 0.83 2.37 7.32
N GLY A 213 0.64 1.11 6.91
CA GLY A 213 1.18 0.69 5.63
C GLY A 213 1.67 -0.74 5.46
N ASP A 214 0.74 -1.67 5.24
CA ASP A 214 1.00 -3.00 4.69
C ASP A 214 -0.31 -3.79 4.69
N HIS A 215 -0.25 -5.12 4.66
CA HIS A 215 -1.48 -5.89 4.64
C HIS A 215 -1.71 -6.64 5.95
N PRO A 216 -2.20 -5.99 7.00
CA PRO A 216 -2.89 -6.72 8.06
C PRO A 216 -4.29 -6.19 8.30
N PRO A 217 -5.14 -6.07 7.25
CA PRO A 217 -6.59 -6.04 7.52
C PRO A 217 -7.18 -7.44 7.52
N LYS A 218 -7.62 -7.92 8.67
CA LYS A 218 -8.09 -9.30 8.79
C LYS A 218 -9.56 -9.44 8.40
N SER A 219 -10.42 -8.57 8.94
CA SER A 219 -11.84 -8.55 8.60
C SER A 219 -12.51 -7.35 9.25
N ASP A 220 -12.01 -6.14 8.95
CA ASP A 220 -12.48 -4.94 9.61
C ASP A 220 -13.80 -4.43 9.06
N LEU A 221 -13.76 -3.81 7.87
CA LEU A 221 -14.91 -3.11 7.31
C LEU A 221 -16.06 -4.05 6.98
N VAL A 222 -16.69 -4.62 8.01
CA VAL A 222 -17.95 -5.37 7.91
C VAL A 222 -17.74 -6.69 7.17
N PRO A 223 -18.49 -7.76 7.51
CA PRO A 223 -18.55 -8.94 6.65
C PRO A 223 -19.01 -8.65 5.23
N ARG A 224 -19.41 -9.71 4.52
CA ARG A 224 -19.60 -9.62 3.08
C ARG A 224 -20.69 -8.62 2.70
N GLY A 225 -21.83 -8.65 3.38
CA GLY A 225 -22.98 -7.93 2.88
C GLY A 225 -23.58 -6.82 3.72
N SER A 226 -23.01 -5.60 3.61
CA SER A 226 -23.74 -4.42 4.07
C SER A 226 -24.44 -3.75 2.91
N PRO A 227 -25.76 -3.55 2.99
CA PRO A 227 -26.50 -2.90 1.90
C PRO A 227 -26.03 -1.47 1.61
N GLU A 228 -25.10 -0.94 2.40
CA GLU A 228 -24.54 0.38 2.13
C GLU A 228 -23.65 0.40 0.89
N PHE A 229 -23.40 -0.75 0.25
CA PHE A 229 -22.76 -0.79 -1.06
C PHE A 229 -23.82 -0.36 -2.08
N MET A 230 -24.07 0.95 -2.10
CA MET A 230 -25.24 1.52 -2.74
C MET A 230 -24.95 1.99 -4.16
N ALA A 231 -26.02 2.32 -4.87
CA ALA A 231 -25.98 2.97 -6.18
C ALA A 231 -25.29 2.09 -7.21
N ASP A 232 -24.08 2.49 -7.64
CA ASP A 232 -23.36 1.83 -8.71
C ASP A 232 -22.02 1.35 -8.18
N GLY A 233 -21.75 0.06 -8.31
CA GLY A 233 -20.48 -0.53 -7.91
C GLY A 233 -19.40 -0.31 -8.94
N VAL A 234 -18.46 -1.25 -8.99
CA VAL A 234 -17.35 -1.22 -9.94
C VAL A 234 -17.35 -2.54 -10.68
N ARG A 235 -17.84 -2.55 -11.91
CA ARG A 235 -17.83 -3.75 -12.72
C ARG A 235 -16.51 -3.88 -13.49
N ALA A 236 -16.25 -5.07 -14.02
CA ALA A 236 -14.99 -5.33 -14.72
C ALA A 236 -15.16 -6.55 -15.62
N VAL A 237 -14.82 -6.40 -16.90
CA VAL A 237 -15.09 -7.41 -17.92
C VAL A 237 -13.95 -8.44 -17.95
N VAL A 238 -14.33 -9.70 -18.20
CA VAL A 238 -13.39 -10.81 -18.35
C VAL A 238 -12.75 -10.80 -19.72
N ALA A 239 -11.47 -11.18 -19.77
CA ALA A 239 -10.79 -11.47 -21.02
C ALA A 239 -9.52 -12.26 -20.78
N ASP A 240 -9.63 -13.59 -20.79
CA ASP A 240 -8.47 -14.47 -20.65
C ASP A 240 -8.56 -15.59 -21.69
N ASP A 241 -7.44 -16.30 -21.86
CA ASP A 241 -7.28 -17.20 -23.00
C ASP A 241 -8.10 -18.48 -22.90
N SER A 242 -8.66 -18.81 -21.74
CA SER A 242 -9.39 -20.06 -21.61
C SER A 242 -10.49 -19.87 -20.56
N HIS A 243 -11.02 -20.99 -20.07
CA HIS A 243 -12.19 -20.95 -19.20
C HIS A 243 -11.81 -20.71 -17.74
N PHE A 244 -10.89 -21.52 -17.21
CA PHE A 244 -10.49 -21.37 -15.81
C PHE A 244 -9.89 -20.00 -15.57
N MET A 245 -8.96 -19.57 -16.43
CA MET A 245 -8.42 -18.23 -16.36
C MET A 245 -9.54 -17.23 -16.68
N ARG A 246 -9.94 -16.47 -15.67
CA ARG A 246 -11.01 -15.48 -15.77
C ARG A 246 -12.23 -16.00 -16.54
N VAL A 248 -11.49 -20.09 -10.26
CA VAL A 248 -11.42 -19.12 -9.18
C VAL A 248 -10.89 -17.78 -9.70
N ILE A 249 -10.64 -17.72 -11.00
CA ILE A 249 -10.23 -16.47 -11.64
C ILE A 249 -11.41 -15.75 -12.29
N SER A 250 -12.57 -16.41 -12.39
CA SER A 250 -13.82 -15.72 -12.69
C SER A 250 -14.53 -15.30 -11.40
N ASP A 251 -14.42 -16.13 -10.37
CA ASP A 251 -14.94 -15.82 -9.04
C ASP A 251 -13.99 -14.97 -8.22
N ILE A 252 -13.00 -14.34 -8.87
CA ILE A 252 -12.08 -13.45 -8.17
C ILE A 252 -12.83 -12.21 -7.70
N LEU A 253 -13.89 -11.82 -8.40
CA LEU A 253 -14.64 -10.61 -8.08
C LEU A 253 -15.98 -10.89 -7.40
N SER A 254 -16.55 -12.08 -7.60
CA SER A 254 -17.90 -12.38 -7.12
C SER A 254 -17.87 -12.69 -5.62
N ASP A 255 -17.68 -11.63 -4.85
CA ASP A 255 -17.72 -11.70 -3.39
C ASP A 255 -18.60 -10.63 -2.77
N GLY A 256 -18.60 -9.42 -3.32
CA GLY A 256 -19.41 -8.34 -2.78
C GLY A 256 -18.84 -6.97 -3.08
N GLY A 257 -18.18 -6.83 -4.22
CA GLY A 257 -17.59 -5.55 -4.59
C GLY A 257 -17.46 -5.34 -6.08
N ILE A 258 -16.36 -5.81 -6.66
CA ILE A 258 -16.10 -5.66 -8.08
C ILE A 258 -16.80 -6.78 -8.83
N ASP A 259 -17.19 -6.51 -10.07
CA ASP A 259 -18.12 -7.36 -10.82
C ASP A 259 -17.50 -7.84 -12.12
N VAL A 260 -18.24 -8.69 -12.83
CA VAL A 260 -17.71 -9.48 -13.93
C VAL A 260 -18.31 -9.08 -15.28
N VAL A 261 -19.63 -8.87 -15.34
CA VAL A 261 -20.32 -8.46 -16.56
C VAL A 261 -20.06 -9.44 -17.70
N ALA A 262 -19.08 -9.15 -18.54
CA ALA A 262 -18.88 -9.88 -19.77
C ALA A 262 -17.74 -10.89 -19.64
N GLN A 263 -17.89 -12.01 -20.33
CA GLN A 263 -16.90 -13.08 -20.33
C GLN A 263 -16.73 -13.59 -21.75
N ALA A 264 -15.49 -13.62 -22.23
CA ALA A 264 -15.23 -14.05 -23.60
C ALA A 264 -13.76 -14.37 -23.76
N ARG A 265 -13.46 -15.48 -24.44
CA ARG A 265 -12.09 -15.75 -24.85
C ARG A 265 -11.67 -14.88 -26.03
N ASP A 266 -12.63 -14.52 -26.88
CA ASP A 266 -12.30 -13.78 -28.10
C ASP A 266 -11.94 -12.34 -27.78
N GLY A 267 -10.94 -11.83 -28.49
CA GLY A 267 -10.63 -10.42 -28.49
C GLY A 267 -11.54 -9.59 -29.36
N GLU A 268 -12.54 -10.21 -29.96
CA GLU A 268 -13.60 -9.51 -30.70
C GLU A 268 -14.94 -9.57 -30.00
N GLU A 269 -15.32 -10.74 -29.46
CA GLU A 269 -16.52 -10.83 -28.64
C GLU A 269 -16.38 -10.10 -27.32
N ALA A 270 -15.27 -9.40 -27.09
CA ALA A 270 -15.08 -8.53 -25.94
C ALA A 270 -15.42 -7.08 -26.28
N VAL A 271 -14.80 -6.52 -27.32
CA VAL A 271 -15.19 -5.20 -27.81
C VAL A 271 -16.69 -5.16 -28.05
N SER A 272 -17.26 -6.29 -28.48
CA SER A 272 -18.70 -6.50 -28.49
C SER A 272 -19.17 -7.05 -27.14
N ALA A 273 -18.72 -6.46 -26.04
CA ALA A 273 -19.12 -6.90 -24.70
C ALA A 273 -18.77 -5.88 -23.62
N VAL A 274 -17.53 -5.37 -23.58
CA VAL A 274 -17.21 -4.44 -22.51
C VAL A 274 -17.96 -3.13 -22.67
N ILE A 275 -18.22 -2.70 -23.91
CA ILE A 275 -19.03 -1.51 -24.13
C ILE A 275 -20.52 -1.78 -23.99
N GLU A 276 -20.92 -3.04 -23.88
CA GLU A 276 -22.32 -3.42 -23.70
C GLU A 276 -22.52 -3.83 -22.25
N HIS A 277 -23.34 -3.07 -21.52
CA HIS A 277 -23.36 -3.07 -20.06
C HIS A 277 -22.03 -2.55 -19.53
N ARG A 278 -21.80 -1.25 -19.67
CA ARG A 278 -20.64 -0.50 -19.20
C ARG A 278 -20.16 -0.91 -17.81
N PRO A 279 -18.95 -1.47 -17.70
CA PRO A 279 -18.28 -1.53 -16.39
C PRO A 279 -17.47 -0.29 -16.14
N ASP A 280 -16.21 -0.46 -15.73
CA ASP A 280 -15.27 0.64 -15.64
C ASP A 280 -13.86 0.21 -16.02
N VAL A 281 -13.68 -1.03 -16.47
CA VAL A 281 -12.37 -1.57 -16.86
C VAL A 281 -12.60 -2.93 -17.50
N VAL A 282 -11.90 -3.21 -18.60
CA VAL A 282 -11.89 -4.53 -19.21
C VAL A 282 -10.56 -5.18 -18.85
N THR A 283 -10.62 -6.25 -18.06
CA THR A 283 -9.44 -6.94 -17.56
C THR A 283 -9.02 -7.95 -18.62
N MET A 284 -7.98 -7.61 -19.38
CA MET A 284 -7.68 -8.32 -20.62
C MET A 284 -6.20 -8.69 -20.72
N ASP A 285 -5.89 -9.58 -21.65
CA ASP A 285 -4.57 -10.20 -21.75
C ASP A 285 -3.89 -9.92 -23.10
N VAL A 286 -3.09 -10.88 -23.57
CA VAL A 286 -2.23 -10.66 -24.74
C VAL A 286 -2.80 -11.29 -26.00
N GLU A 287 -2.75 -12.62 -26.11
CA GLU A 287 -3.11 -13.31 -27.34
C GLU A 287 -4.58 -13.69 -27.29
N MET A 288 -5.32 -13.28 -28.33
CA MET A 288 -6.76 -13.46 -28.40
C MET A 288 -7.12 -14.11 -29.72
N PRO A 289 -8.09 -15.02 -29.73
CA PRO A 289 -8.49 -15.67 -30.99
C PRO A 289 -9.22 -14.69 -31.89
N VAL A 290 -8.75 -14.60 -33.14
CA VAL A 290 -9.23 -13.64 -34.13
C VAL A 290 -9.12 -12.22 -33.58
N MET A 291 -8.10 -11.48 -34.06
CA MET A 291 -7.66 -10.18 -33.57
C MET A 291 -7.02 -10.33 -32.19
N ASN A 292 -5.97 -9.56 -31.94
CA ASN A 292 -5.08 -9.71 -30.79
C ASN A 292 -5.40 -8.69 -29.72
N GLY A 293 -5.00 -9.01 -28.49
CA GLY A 293 -5.13 -8.07 -27.38
C GLY A 293 -4.28 -6.82 -27.52
N ILE A 294 -3.23 -6.88 -28.35
CA ILE A 294 -2.49 -5.67 -28.69
C ILE A 294 -3.43 -4.65 -29.35
N GLU A 295 -4.29 -5.13 -30.25
CA GLU A 295 -5.25 -4.28 -30.94
C GLU A 295 -6.66 -4.39 -30.39
N ALA A 296 -6.92 -5.34 -29.49
CA ALA A 296 -8.23 -5.41 -28.87
C ALA A 296 -8.47 -4.27 -27.89
N THR A 297 -7.54 -3.34 -27.76
CA THR A 297 -7.76 -2.12 -27.00
C THR A 297 -7.92 -0.88 -27.87
N GLU A 298 -7.11 -0.71 -28.93
CA GLU A 298 -7.31 0.46 -29.78
C GLU A 298 -8.48 0.28 -30.73
N ARG A 299 -8.84 -0.97 -31.05
CA ARG A 299 -10.13 -1.21 -31.70
C ARG A 299 -11.28 -0.87 -30.77
N ILE A 300 -11.04 -0.79 -29.47
CA ILE A 300 -12.02 -0.28 -28.52
C ILE A 300 -11.65 1.10 -27.99
N MET A 301 -10.40 1.54 -28.14
CA MET A 301 -10.03 2.90 -27.76
C MET A 301 -10.52 3.91 -28.78
N ALA A 302 -10.24 3.68 -30.06
CA ALA A 302 -10.76 4.53 -31.12
C ALA A 302 -12.26 4.35 -31.26
N GLU A 303 -12.97 4.47 -30.13
CA GLU A 303 -14.39 4.16 -30.03
C GLU A 303 -14.85 4.45 -28.61
N SER A 304 -14.13 3.92 -27.63
CA SER A 304 -14.46 4.05 -26.21
C SER A 304 -13.21 3.81 -25.36
N PRO A 305 -12.35 4.82 -25.21
CA PRO A 305 -11.08 4.60 -24.49
C PRO A 305 -11.28 4.19 -23.03
N THR A 306 -11.66 2.93 -22.82
CA THR A 306 -11.84 2.43 -21.46
C THR A 306 -10.48 2.12 -20.83
N PRO A 307 -10.26 2.51 -19.57
CA PRO A 307 -9.00 2.16 -18.91
C PRO A 307 -8.80 0.65 -18.86
N VAL A 308 -7.89 0.14 -19.67
CA VAL A 308 -7.74 -1.31 -19.85
C VAL A 308 -6.73 -1.84 -18.84
N LEU A 309 -7.08 -2.96 -18.22
CA LEU A 309 -6.22 -3.64 -17.25
C LEU A 309 -5.49 -4.75 -18.00
N MET A 310 -4.25 -4.48 -18.40
CA MET A 310 -3.49 -5.37 -19.27
C MET A 310 -2.85 -6.48 -18.43
N LEU A 311 -3.56 -7.60 -18.31
CA LEU A 311 -2.95 -8.81 -17.77
C LEU A 311 -1.88 -9.29 -18.73
N SER A 312 -0.66 -9.52 -18.23
CA SER A 312 0.45 -9.88 -19.10
C SER A 312 1.42 -10.75 -18.32
N ALA A 313 1.27 -12.06 -18.43
CA ALA A 313 2.30 -12.99 -17.97
C ALA A 313 3.46 -12.94 -18.95
N HIS A 314 4.44 -12.09 -18.66
CA HIS A 314 5.45 -11.76 -19.66
C HIS A 314 6.37 -12.95 -19.93
N THR A 315 6.82 -13.05 -21.18
CA THR A 315 7.83 -14.01 -21.60
C THR A 315 9.15 -13.32 -21.93
N ASP A 316 9.30 -12.06 -21.49
CA ASP A 316 10.40 -11.15 -21.80
C ASP A 316 10.21 -10.55 -23.18
N GLU A 317 9.35 -11.15 -24.00
CA GLU A 317 8.90 -10.54 -25.25
C GLU A 317 7.52 -9.94 -25.14
N ASN A 318 6.73 -10.36 -24.15
CA ASN A 318 5.49 -9.67 -23.79
C ASN A 318 5.76 -8.30 -23.17
N ALA A 319 7.03 -7.95 -22.94
CA ALA A 319 7.41 -6.63 -22.47
C ALA A 319 7.10 -5.53 -23.47
N ASP A 320 6.58 -5.87 -24.65
CA ASP A 320 6.04 -4.92 -25.60
C ASP A 320 4.52 -4.94 -25.66
N VAL A 321 3.91 -6.12 -25.64
CA VAL A 321 2.46 -6.21 -25.55
C VAL A 321 1.96 -5.47 -24.31
N THR A 322 2.72 -5.56 -23.22
CA THR A 322 2.42 -4.78 -22.02
C THR A 322 2.83 -3.32 -22.16
N PHE A 323 3.76 -3.01 -23.06
CA PHE A 323 4.33 -1.67 -23.15
C PHE A 323 4.20 -1.02 -24.52
N GLU A 324 3.53 -1.67 -25.47
CA GLU A 324 3.01 -0.98 -26.65
C GLU A 324 1.53 -0.64 -26.47
N ALA A 325 0.78 -1.51 -25.80
CA ALA A 325 -0.60 -1.23 -25.44
C ALA A 325 -0.73 -0.11 -24.42
N LEU A 326 0.38 0.35 -23.83
CA LEU A 326 0.33 1.58 -23.03
C LEU A 326 0.22 2.80 -23.92
N ASP A 327 0.90 2.78 -25.07
CA ASP A 327 0.71 3.82 -26.07
C ASP A 327 -0.62 3.63 -26.81
N LYS A 328 -1.27 2.48 -26.62
CA LYS A 328 -2.60 2.26 -27.14
C LYS A 328 -3.69 2.59 -26.13
N GLY A 329 -3.35 2.74 -24.85
CA GLY A 329 -4.30 3.24 -23.88
C GLY A 329 -4.31 2.61 -22.50
N ALA A 330 -3.25 1.89 -22.13
CA ALA A 330 -3.20 1.29 -20.81
C ALA A 330 -2.94 2.36 -19.75
N VAL A 331 -3.04 1.95 -18.48
CA VAL A 331 -2.80 2.85 -17.36
C VAL A 331 -1.93 2.12 -16.33
N ASP A 332 -2.47 1.07 -15.72
CA ASP A 332 -1.70 0.18 -14.85
C ASP A 332 -1.94 -1.24 -15.32
N PHE A 333 -0.86 -2.01 -15.42
CA PHE A 333 -0.92 -3.37 -15.94
C PHE A 333 -0.86 -4.37 -14.79
N PHE A 334 -1.65 -5.44 -14.92
CA PHE A 334 -1.54 -6.55 -14.00
C PHE A 334 -0.30 -7.36 -14.31
N THR A 335 0.28 -7.94 -13.29
CA THR A 335 1.49 -8.73 -13.48
C THR A 335 0.99 -10.18 -13.43
N LYS A 336 0.46 -10.62 -14.56
CA LYS A 336 -0.38 -11.81 -14.62
C LYS A 336 0.42 -13.06 -14.28
N PRO A 337 -0.09 -13.93 -13.41
CA PRO A 337 0.64 -15.14 -13.05
C PRO A 337 0.06 -16.41 -13.65
N GLY A 338 0.01 -17.48 -12.84
CA GLY A 338 -0.56 -18.74 -13.28
C GLY A 338 0.20 -19.95 -12.80
N GLY A 339 -0.50 -20.90 -12.19
CA GLY A 339 0.13 -22.13 -11.77
C GLY A 339 -0.44 -22.76 -10.50
N GLU A 340 0.41 -22.92 -9.49
CA GLU A 340 0.08 -23.62 -8.25
C GLU A 340 -1.11 -23.00 -7.54
N VAL A 341 -2.29 -23.60 -7.70
CA VAL A 341 -3.49 -23.16 -6.98
C VAL A 341 -3.37 -23.64 -5.53
N SER A 342 -3.08 -22.72 -4.63
CA SER A 342 -2.89 -23.06 -3.23
C SER A 342 -3.55 -22.03 -2.32
N MET A 343 -2.73 -21.25 -1.60
CA MET A 343 -3.22 -20.20 -0.72
C MET A 343 -2.43 -18.92 -1.03
N GLU A 344 -2.86 -18.21 -2.07
CA GLU A 344 -2.25 -16.96 -2.47
C GLU A 344 -3.22 -16.23 -3.40
N MET A 345 -4.18 -16.98 -3.94
CA MET A 345 -5.30 -16.37 -4.66
C MET A 345 -5.99 -15.33 -3.78
N SER A 346 -6.05 -15.60 -2.47
CA SER A 346 -6.53 -14.58 -1.53
C SER A 346 -5.71 -13.31 -1.64
N ARG A 347 -4.40 -13.43 -1.85
CA ARG A 347 -3.56 -12.26 -2.08
C ARG A 347 -3.48 -11.89 -3.55
N LEU A 348 -3.56 -12.87 -4.45
CA LEU A 348 -3.47 -12.58 -5.88
C LEU A 348 -4.67 -11.80 -6.38
N LYS A 349 -5.78 -11.77 -5.62
CA LYS A 349 -6.93 -10.98 -6.06
C LYS A 349 -6.75 -9.51 -5.72
N ASP A 350 -6.16 -9.20 -4.56
CA ASP A 350 -5.87 -7.80 -4.24
C ASP A 350 -4.89 -7.18 -5.21
N GLN A 351 -4.06 -7.99 -5.87
CA GLN A 351 -3.24 -7.48 -6.97
C GLN A 351 -4.08 -7.16 -8.20
N LEU A 352 -5.35 -7.55 -8.21
CA LEU A 352 -6.26 -7.26 -9.32
C LEU A 352 -7.41 -6.35 -8.94
N VAL A 353 -8.04 -6.57 -7.79
CA VAL A 353 -9.24 -5.79 -7.45
C VAL A 353 -8.87 -4.45 -6.81
N GLU A 354 -7.87 -4.43 -5.92
CA GLU A 354 -7.35 -3.15 -5.45
C GLU A 354 -6.81 -2.33 -6.61
N MET A 355 -6.37 -2.99 -7.67
CA MET A 355 -5.94 -2.29 -8.87
C MET A 355 -7.08 -1.48 -9.47
N VAL A 356 -8.19 -2.13 -9.81
CA VAL A 356 -9.32 -1.38 -10.37
C VAL A 356 -9.86 -0.39 -9.34
N SER A 357 -9.71 -0.69 -8.04
CA SER A 357 -9.97 0.28 -6.99
C SER A 357 -8.86 1.33 -6.98
N SER A 358 -8.38 1.70 -8.16
CA SER A 358 -7.20 2.52 -8.35
C SER A 358 -6.94 2.69 -9.84
N VAL A 359 -7.47 1.76 -10.64
CA VAL A 359 -7.48 1.88 -12.09
C VAL A 359 -8.83 2.38 -12.60
N ALA A 360 -9.93 1.83 -12.07
CA ALA A 360 -11.25 2.36 -12.32
C ALA A 360 -11.57 3.56 -11.45
N ALA A 361 -10.56 4.14 -10.80
CA ALA A 361 -10.71 5.37 -10.02
C ALA A 361 -10.64 6.61 -10.90
N VAL A 362 -11.21 6.54 -12.10
CA VAL A 362 -11.18 7.62 -13.08
C VAL A 362 -12.62 8.00 -13.42
N ASP A 363 -12.88 9.30 -13.50
CA ASP A 363 -14.14 9.77 -14.06
C ASP A 363 -14.10 9.57 -15.58
N VAL A 364 -14.06 10.67 -16.33
CA VAL A 364 -13.82 10.61 -17.77
C VAL A 364 -12.71 11.61 -18.08
N GLY A 365 -11.79 11.78 -17.12
CA GLY A 365 -10.76 12.80 -17.27
C GLY A 365 -9.66 12.40 -18.23
N ALA A 366 -9.08 11.21 -18.01
CA ALA A 366 -7.96 10.76 -18.84
C ALA A 366 -8.40 10.57 -20.28
N THR A 367 -9.62 10.06 -20.50
CA THR A 367 -10.14 9.94 -21.85
C THR A 367 -10.41 11.32 -22.45
N GLY A 368 -11.10 12.17 -21.69
CA GLY A 368 -11.34 13.54 -22.13
C GLY A 368 -10.20 14.45 -21.77
N SER A 369 -8.98 14.07 -22.14
CA SER A 369 -7.79 14.89 -21.95
C SER A 369 -7.10 15.22 -23.27
N ARG A 370 -7.00 14.26 -24.18
CA ARG A 370 -6.58 14.53 -25.55
C ARG A 370 -7.57 14.01 -26.57
N SER A 371 -8.72 13.49 -26.13
CA SER A 371 -9.73 12.90 -27.02
C SER A 371 -11.09 13.55 -26.74
N GLY A 372 -11.15 14.87 -26.91
CA GLY A 372 -12.43 15.56 -26.93
C GLY A 372 -12.80 15.86 -28.38
N THR A 373 -11.79 15.90 -29.23
CA THR A 373 -11.96 16.07 -30.67
C THR A 373 -11.23 14.97 -31.41
N GLY A 374 -10.56 15.32 -32.51
CA GLY A 374 -9.80 14.35 -33.27
C GLY A 374 -8.33 14.71 -33.37
N SER A 375 -7.71 15.02 -32.24
CA SER A 375 -6.33 15.49 -32.19
C SER A 375 -5.45 14.39 -31.62
N ASP A 376 -4.58 13.83 -32.47
CA ASP A 376 -3.53 12.93 -32.02
C ASP A 376 -2.32 13.76 -31.63
N SER A 377 -1.77 13.50 -30.44
CA SER A 377 -0.74 14.36 -29.87
C SER A 377 0.49 14.43 -30.78
N GLY A 378 0.94 13.29 -31.30
CA GLY A 378 2.09 13.28 -32.19
C GLY A 378 3.39 12.96 -31.49
N THR A 379 4.48 13.56 -31.95
CA THR A 379 5.80 13.27 -31.41
C THR A 379 6.26 14.33 -30.43
N ALA A 380 7.32 15.04 -30.76
CA ALA A 380 7.94 15.98 -29.83
C ALA A 380 8.01 17.38 -30.43
N PRO A 381 7.94 18.42 -29.60
CA PRO A 381 8.12 19.79 -30.10
C PRO A 381 9.58 20.17 -30.18
N THR A 382 10.00 21.10 -29.32
CA THR A 382 11.40 21.47 -29.19
C THR A 382 11.57 22.22 -27.87
N THR A 383 12.66 21.92 -27.16
CA THR A 383 12.89 22.47 -25.82
C THR A 383 13.12 23.98 -25.88
N ALA A 384 12.04 24.74 -26.11
CA ALA A 384 12.17 26.17 -26.42
C ALA A 384 12.89 26.92 -25.31
N GLY A 385 12.34 26.88 -24.10
CA GLY A 385 12.91 27.64 -22.99
C GLY A 385 14.29 27.20 -22.56
N GLY A 386 14.82 26.12 -23.13
CA GLY A 386 16.11 25.61 -22.70
C GLY A 386 17.05 25.24 -23.83
N SER A 387 16.92 24.01 -24.34
CA SER A 387 17.90 23.46 -25.28
C SER A 387 17.65 23.88 -26.72
N ALA A 388 16.40 24.18 -27.10
CA ALA A 388 16.16 24.69 -28.45
C ALA A 388 16.84 26.03 -28.65
N THR A 389 16.82 26.88 -27.62
CA THR A 389 17.57 28.13 -27.67
C THR A 389 19.07 27.88 -27.80
N ASP A 390 19.53 26.66 -27.48
CA ASP A 390 20.89 26.25 -27.76
C ASP A 390 21.01 25.52 -29.10
N ARG A 391 19.95 24.81 -29.51
CA ARG A 391 19.93 24.15 -30.82
C ARG A 391 19.40 25.09 -31.88
N ARG A 392 19.73 26.37 -31.75
CA ARG A 392 19.28 27.36 -32.73
C ARG A 392 20.25 28.53 -32.87
N GLY A 393 21.37 28.55 -32.14
CA GLY A 393 22.28 29.68 -32.18
C GLY A 393 23.75 29.31 -32.27
N THR A 394 24.61 30.11 -31.65
CA THR A 394 26.05 29.97 -31.78
C THR A 394 26.63 29.22 -30.59
N GLY A 395 27.21 28.06 -30.85
CA GLY A 395 27.95 27.34 -29.82
C GLY A 395 29.24 28.01 -29.39
N GLY A 396 29.70 29.01 -30.15
CA GLY A 396 30.88 29.75 -29.79
C GLY A 396 30.69 30.54 -28.51
N SER A 397 31.77 31.19 -28.08
CA SER A 397 31.80 31.93 -26.82
C SER A 397 30.89 33.17 -26.82
N SER A 398 30.11 33.43 -27.86
CA SER A 398 29.12 34.51 -27.86
C SER A 398 27.75 33.88 -27.62
N GLY A 399 27.22 34.06 -26.42
CA GLY A 399 26.02 33.37 -26.00
C GLY A 399 26.28 32.15 -25.14
N GLN A 400 27.54 31.83 -24.87
CA GLN A 400 27.88 30.73 -23.98
C GLN A 400 27.47 31.06 -22.54
N THR A 401 27.65 30.08 -21.66
CA THR A 401 27.24 30.22 -20.27
C THR A 401 28.35 29.74 -19.35
N THR A 402 28.42 30.36 -18.18
CA THR A 402 29.38 29.97 -17.14
C THR A 402 28.86 28.73 -16.40
N TYR A 403 28.45 27.72 -17.15
CA TYR A 403 27.70 26.60 -16.59
C TYR A 403 28.60 25.44 -16.21
N VAL A 404 28.00 24.46 -15.54
CA VAL A 404 28.68 23.24 -15.12
C VAL A 404 27.96 22.05 -15.78
N ALA A 405 28.65 20.91 -15.79
CA ALA A 405 28.15 19.69 -16.43
C ALA A 405 27.66 18.67 -15.41
N ASN A 406 26.97 19.13 -14.37
CA ASN A 406 26.42 18.23 -13.36
C ASN A 406 24.96 17.98 -13.65
N PRO A 407 24.55 16.74 -13.89
CA PRO A 407 23.14 16.47 -14.20
C PRO A 407 22.23 16.67 -13.01
N THR A 408 20.94 16.79 -13.30
CA THR A 408 19.89 16.89 -12.29
C THR A 408 19.07 15.60 -12.37
N LEU A 409 19.00 14.88 -11.26
CA LEU A 409 18.37 13.57 -11.23
C LEU A 409 16.86 13.70 -11.47
N VAL A 410 16.17 12.56 -11.46
CA VAL A 410 14.72 12.47 -11.62
C VAL A 410 14.19 13.35 -12.74
N GLY A 412 10.43 8.87 -9.00
CA GLY A 412 10.06 8.78 -10.41
C GLY A 412 8.57 8.74 -10.64
N SER A 413 8.03 7.52 -10.78
CA SER A 413 6.60 7.34 -11.01
C SER A 413 6.18 5.89 -10.79
N SER A 414 5.00 5.54 -11.32
CA SER A 414 4.48 4.18 -11.28
C SER A 414 3.25 4.10 -12.18
N THR A 415 2.06 3.99 -11.60
CA THR A 415 0.83 4.09 -12.38
C THR A 415 0.75 5.48 -13.00
N GLY A 416 0.93 5.56 -14.31
CA GLY A 416 1.17 6.81 -15.00
C GLY A 416 2.55 6.89 -15.62
N GLY A 417 3.45 5.99 -15.25
CA GLY A 417 4.71 5.82 -15.93
C GLY A 417 4.55 5.45 -17.40
N PRO A 418 3.68 4.45 -17.70
CA PRO A 418 3.43 4.05 -19.09
C PRO A 418 3.40 5.17 -20.12
N LYS A 419 2.54 6.17 -19.95
CA LYS A 419 2.48 7.24 -20.94
C LYS A 419 2.70 8.63 -20.36
N MET A 420 2.18 8.90 -19.17
CA MET A 420 2.34 10.23 -18.59
C MET A 420 3.77 10.53 -18.18
N VAL A 421 4.59 9.50 -17.96
CA VAL A 421 6.01 9.73 -17.74
C VAL A 421 6.81 9.65 -19.03
N GLU A 422 6.32 8.89 -20.03
CA GLU A 422 7.05 8.73 -21.27
C GLU A 422 7.09 10.02 -22.07
N GLN A 423 5.96 10.75 -22.12
CA GLN A 423 5.93 12.04 -22.80
C GLN A 423 6.85 13.06 -22.13
N VAL A 424 7.36 12.76 -20.94
CA VAL A 424 8.29 13.66 -20.27
C VAL A 424 9.74 13.34 -20.61
N MET A 425 10.08 12.07 -20.82
CA MET A 425 11.45 11.66 -21.10
C MET A 425 11.83 11.76 -22.57
N GLU A 426 10.85 11.85 -23.46
CA GLU A 426 11.13 11.86 -24.90
C GLU A 426 11.77 13.16 -25.39
N ASN A 427 12.09 14.11 -24.50
CA ASN A 427 12.65 15.38 -24.92
C ASN A 427 13.91 15.70 -24.13
N LEU A 428 14.71 14.67 -23.82
CA LEU A 428 15.98 14.87 -23.13
C LEU A 428 17.07 15.02 -24.16
N PRO A 429 17.62 16.22 -24.36
CA PRO A 429 18.55 16.43 -25.47
C PRO A 429 19.94 15.86 -25.19
N ILE A 430 20.56 15.33 -26.23
CA ILE A 430 21.92 14.80 -26.12
C ILE A 430 22.93 15.91 -25.88
N GLU A 431 22.62 17.14 -26.31
CA GLU A 431 23.50 18.27 -26.06
C GLU A 431 23.56 18.64 -24.58
N ALA A 432 22.59 18.20 -23.79
CA ALA A 432 22.52 18.52 -22.37
C ALA A 432 22.82 17.26 -21.56
N ASP A 433 23.79 17.37 -20.65
CA ASP A 433 24.26 16.25 -19.84
C ASP A 433 23.33 16.06 -18.65
N LEU A 434 22.47 15.03 -18.71
CA LEU A 434 21.43 14.86 -17.71
C LEU A 434 21.30 13.39 -17.32
N ARG A 435 20.46 13.15 -16.30
CA ARG A 435 20.22 11.82 -15.76
C ARG A 435 18.88 11.85 -15.04
N VAL A 436 17.96 10.96 -15.43
CA VAL A 436 16.58 10.97 -14.94
C VAL A 436 16.31 9.68 -14.17
N LEU A 437 15.64 9.81 -13.04
CA LEU A 437 15.16 8.68 -12.26
C LEU A 437 13.84 8.17 -12.84
N ILE A 438 13.57 6.88 -12.67
CA ILE A 438 12.37 6.30 -13.26
C ILE A 438 11.68 5.31 -12.33
N ILE A 439 12.34 4.93 -11.23
CA ILE A 439 11.91 3.84 -10.35
C ILE A 439 10.39 3.76 -10.27
N GLN A 440 9.84 2.61 -10.66
CA GLN A 440 8.46 2.54 -11.12
C GLN A 440 7.86 1.21 -10.70
N HIS A 441 6.66 0.94 -11.19
CA HIS A 441 6.10 -0.41 -11.22
C HIS A 441 6.51 -1.04 -12.54
N MET A 442 7.00 -2.28 -12.47
CA MET A 442 7.67 -2.96 -13.59
C MET A 442 6.98 -2.77 -14.93
N GLU A 444 11.28 -6.86 -14.28
CA GLU A 444 11.32 -8.26 -14.71
C GLU A 444 11.60 -8.35 -16.21
N GLY A 445 12.56 -7.56 -16.68
CA GLY A 445 12.75 -7.36 -18.09
C GLY A 445 11.99 -6.18 -18.65
N PHE A 446 10.98 -5.69 -17.92
CA PHE A 446 10.31 -4.46 -18.30
C PHE A 446 11.21 -3.25 -18.17
N THR A 447 12.30 -3.36 -17.41
CA THR A 447 13.33 -2.33 -17.39
C THR A 447 14.25 -2.40 -18.60
N GLY A 448 14.00 -3.33 -19.53
CA GLY A 448 14.77 -3.44 -20.74
C GLY A 448 13.93 -3.17 -21.98
N ARG A 449 12.63 -2.94 -21.78
CA ARG A 449 11.73 -2.59 -22.87
C ARG A 449 10.88 -1.36 -22.57
N PHE A 450 11.18 -0.64 -21.48
CA PHE A 450 10.57 0.66 -21.22
C PHE A 450 11.54 1.81 -21.42
N ALA A 451 12.84 1.57 -21.30
CA ALA A 451 13.86 2.53 -21.68
C ALA A 451 14.34 2.34 -23.11
N GLU A 452 13.93 1.25 -23.76
CA GLU A 452 14.30 1.03 -25.16
C GLU A 452 13.59 1.99 -26.10
N ARG A 453 12.44 2.54 -25.71
CA ARG A 453 11.71 3.45 -26.56
C ARG A 453 12.33 4.85 -26.53
N ILE A 454 12.56 5.39 -25.34
CA ILE A 454 13.23 6.68 -25.21
C ILE A 454 14.62 6.61 -25.82
N ASN A 455 15.25 5.44 -25.79
CA ASN A 455 16.54 5.27 -26.44
C ASN A 455 16.42 5.45 -27.96
N THR A 456 15.48 4.72 -28.57
CA THR A 456 15.37 4.73 -30.03
C THR A 456 14.58 5.94 -30.53
N ARG A 457 13.40 6.17 -29.96
CA ARG A 457 12.54 7.24 -30.46
C ARG A 457 13.16 8.62 -30.18
N SER A 458 13.31 8.97 -28.91
CA SER A 458 13.92 10.24 -28.56
C SER A 458 15.37 10.27 -29.03
N ASP A 459 15.82 11.45 -29.48
CA ASP A 459 17.14 11.57 -30.07
C ASP A 459 18.24 11.59 -29.01
N TYR A 460 18.15 10.69 -28.03
CA TYR A 460 19.21 10.46 -27.07
C TYR A 460 19.08 9.02 -26.58
N GLU A 461 20.18 8.49 -26.03
CA GLU A 461 20.29 7.08 -25.70
C GLU A 461 20.17 6.89 -24.19
N VAL A 462 19.14 6.16 -23.77
CA VAL A 462 18.95 5.82 -22.36
C VAL A 462 18.99 4.31 -22.24
N GLN A 463 19.34 3.82 -21.05
CA GLN A 463 19.83 2.46 -20.90
C GLN A 463 19.08 1.71 -19.81
N GLU A 464 19.44 0.43 -19.67
CA GLU A 464 19.02 -0.41 -18.56
C GLU A 464 20.18 -0.49 -17.56
N ALA A 465 19.87 -0.23 -16.29
CA ALA A 465 20.91 -0.12 -15.28
C ALA A 465 21.56 -1.48 -15.03
N THR A 466 22.88 -1.55 -15.25
CA THR A 466 23.64 -2.77 -14.99
C THR A 466 24.30 -2.68 -13.62
N ASP A 467 25.41 -3.39 -13.45
CA ASP A 467 26.30 -3.18 -12.31
C ASP A 467 27.17 -1.95 -12.59
N GLY A 468 26.51 -0.79 -12.58
CA GLY A 468 27.21 0.47 -12.69
C GLY A 468 27.48 0.97 -14.09
N ALA A 469 26.47 1.53 -14.74
CA ALA A 469 26.65 2.30 -15.97
C ALA A 469 26.71 3.78 -15.57
N ARG A 470 27.92 4.21 -15.19
CA ARG A 470 28.09 5.50 -14.54
C ARG A 470 27.65 6.65 -15.43
N ILE A 471 26.79 7.51 -14.89
CA ILE A 471 26.34 8.71 -15.58
C ILE A 471 26.36 9.89 -14.62
N GLY A 473 26.90 13.85 -17.81
CA GLY A 473 25.78 13.04 -18.26
C GLY A 473 25.78 12.78 -19.75
N GLY A 474 25.29 11.61 -20.14
CA GLY A 474 25.22 11.26 -21.55
C GLY A 474 24.10 10.29 -21.85
N GLU A 475 23.54 9.67 -20.82
CA GLU A 475 22.45 8.72 -20.99
C GLU A 475 21.39 8.92 -19.91
N GLY A 476 21.28 7.95 -19.00
CA GLY A 476 20.29 8.01 -17.96
C GLY A 476 20.35 6.90 -16.94
N LEU A 477 20.02 7.21 -15.69
CA LEU A 477 19.96 6.22 -14.63
C LEU A 477 18.92 5.16 -14.96
N VAL A 478 17.67 5.41 -14.59
CA VAL A 478 16.52 4.63 -15.06
C VAL A 478 16.62 3.20 -14.54
N ALA A 479 15.60 2.38 -14.81
CA ALA A 479 15.50 0.99 -14.38
C ALA A 479 15.34 0.89 -12.86
N ALA A 480 14.31 0.18 -12.41
CA ALA A 480 14.12 -0.10 -10.99
C ALA A 480 14.76 -1.41 -10.58
N GLY A 481 15.75 -1.89 -11.32
CA GLY A 481 16.44 -3.12 -11.01
C GLY A 481 17.96 -2.98 -11.08
N ARG A 483 15.55 -4.46 -5.51
CA ARG A 483 16.98 -4.66 -5.72
C ARG A 483 17.55 -3.62 -6.68
N HIS A 484 17.37 -2.35 -6.34
CA HIS A 484 17.97 -1.25 -7.10
C HIS A 484 18.28 -0.07 -6.18
N GLU A 486 22.38 2.32 -4.54
CA GLU A 486 22.72 3.62 -3.98
C GLU A 486 23.85 4.27 -4.76
N VAL A 487 23.49 5.09 -5.74
CA VAL A 487 24.49 5.85 -6.49
C VAL A 487 25.28 6.72 -5.53
N LYS A 488 26.60 6.62 -5.58
CA LYS A 488 27.47 7.24 -4.61
C LYS A 488 28.58 8.02 -5.30
N ASN A 489 29.46 8.62 -4.50
CA ASN A 489 30.56 9.42 -4.99
C ASN A 489 31.87 8.80 -4.52
N TYR A 490 32.80 8.61 -5.46
CA TYR A 490 34.14 8.13 -5.21
C TYR A 490 34.92 9.17 -4.39
N ARG A 491 35.94 9.76 -5.02
CA ARG A 491 36.71 10.86 -4.45
C ARG A 491 37.08 11.84 -5.55
N ASN A 492 36.24 11.97 -6.57
CA ASN A 492 36.62 12.66 -7.80
C ASN A 492 35.61 13.70 -8.28
N GLY A 493 34.34 13.64 -7.85
CA GLY A 493 33.46 14.77 -8.11
C GLY A 493 32.06 14.53 -8.62
N ARG A 494 31.76 13.34 -9.14
CA ARG A 494 30.46 13.07 -9.74
C ARG A 494 29.87 11.79 -9.15
N LEU A 495 28.97 11.15 -9.91
CA LEU A 495 28.20 10.03 -9.41
C LEU A 495 28.11 8.95 -10.50
N ARG A 496 27.46 7.84 -10.17
CA ARG A 496 27.35 6.69 -11.07
C ARG A 496 25.93 6.13 -11.10
N THR A 497 25.82 4.82 -10.88
CA THR A 497 24.51 4.15 -10.82
C THR A 497 24.73 2.83 -10.06
N LYS A 498 24.50 2.85 -8.76
CA LYS A 498 24.68 1.71 -7.89
C LYS A 498 23.33 1.30 -7.29
N LEU A 499 23.27 0.09 -6.76
CA LEU A 499 21.99 -0.54 -6.44
C LEU A 499 21.78 -0.64 -4.93
N THR A 500 20.57 -1.06 -4.57
CA THR A 500 20.04 -1.04 -3.21
C THR A 500 19.05 -2.19 -3.08
N GLN A 501 19.15 -3.00 -2.01
CA GLN A 501 18.34 -4.22 -2.00
C GLN A 501 17.98 -4.76 -0.62
N ASP A 502 18.00 -3.95 0.44
CA ASP A 502 17.67 -4.45 1.77
C ASP A 502 16.16 -4.65 1.90
N GLU A 503 15.72 -4.87 3.14
CA GLU A 503 14.31 -4.75 3.48
C GLU A 503 13.77 -3.44 2.92
N PRO A 504 12.61 -3.43 2.27
CA PRO A 504 12.21 -2.29 1.46
C PRO A 504 12.17 -0.99 2.24
N VAL A 505 12.63 0.07 1.61
CA VAL A 505 12.45 1.41 2.17
C VAL A 505 10.98 1.81 2.03
N ASN A 506 10.32 2.05 3.16
CA ASN A 506 8.89 2.34 3.22
C ASN A 506 8.10 1.14 2.72
N SER A 507 8.63 -0.06 2.96
CA SER A 507 7.95 -1.33 2.72
C SER A 507 7.59 -1.56 1.24
N VAL A 508 8.19 -0.80 0.33
CA VAL A 508 7.93 -0.94 -1.10
C VAL A 508 9.23 -1.25 -1.82
N ARG A 509 9.15 -2.14 -2.81
CA ARG A 509 10.30 -2.51 -3.62
C ARG A 509 10.16 -2.00 -5.05
N ALA A 511 11.02 0.81 -4.01
CA ALA A 511 11.68 1.72 -3.09
C ALA A 511 12.02 3.04 -3.78
N VAL A 512 10.98 3.79 -4.15
CA VAL A 512 11.22 5.06 -4.83
C VAL A 512 11.84 6.07 -3.88
N ASP A 513 11.60 5.95 -2.58
CA ASP A 513 11.94 7.02 -1.65
C ASP A 513 13.44 7.12 -1.43
N VAL A 514 14.14 5.99 -1.35
CA VAL A 514 15.53 6.01 -0.90
C VAL A 514 16.41 6.81 -1.85
N THR A 515 16.35 6.49 -3.15
CA THR A 515 17.23 7.15 -4.11
C THR A 515 16.95 8.64 -4.24
N MET A 516 15.78 9.10 -3.79
CA MET A 516 15.57 10.54 -3.67
C MET A 516 16.19 11.08 -2.38
N GLN A 517 16.07 10.33 -1.29
CA GLN A 517 16.63 10.76 -0.01
C GLN A 517 18.15 10.76 -0.04
N THR A 518 18.76 9.85 -0.82
CA THR A 518 20.21 9.80 -0.91
C THR A 518 20.79 11.12 -1.41
N ALA A 519 20.16 11.72 -2.41
CA ALA A 519 20.75 12.84 -3.12
C ALA A 519 20.72 14.15 -2.33
N ALA A 520 19.99 14.21 -1.22
CA ALA A 520 20.00 15.41 -0.39
C ALA A 520 21.33 15.58 0.35
N GLU A 521 22.14 14.53 0.42
CA GLU A 521 23.44 14.56 1.08
C GLU A 521 24.52 14.02 0.16
N THR A 522 24.38 14.19 -1.15
CA THR A 522 25.26 13.51 -2.09
C THR A 522 25.77 14.42 -3.19
N ILE A 523 24.90 15.23 -3.80
CA ILE A 523 25.30 16.04 -4.95
C ILE A 523 24.84 17.48 -4.80
N ASP A 524 23.59 17.66 -4.37
CA ASP A 524 23.04 18.97 -4.03
C ASP A 524 22.92 19.92 -5.22
N ASP A 525 22.91 21.23 -4.94
CA ASP A 525 22.36 22.35 -5.68
C ASP A 525 22.06 22.02 -7.15
N PRO A 526 23.04 21.83 -8.05
CA PRO A 526 22.69 21.29 -9.38
C PRO A 526 22.17 19.87 -9.33
N LEU A 527 20.99 19.71 -8.71
CA LEU A 527 20.27 18.45 -8.62
C LEU A 527 18.79 18.76 -8.46
N VAL A 528 17.95 18.07 -9.23
CA VAL A 528 16.51 18.22 -9.14
C VAL A 528 15.88 16.86 -8.83
N GLY A 529 14.75 16.90 -8.15
CA GLY A 529 13.91 15.74 -7.99
C GLY A 529 12.49 16.09 -8.37
N LEU A 530 11.77 15.10 -8.89
CA LEU A 530 10.43 15.38 -9.39
C LEU A 530 9.48 14.22 -9.10
N ILE A 531 8.21 14.58 -8.93
CA ILE A 531 7.12 13.64 -8.76
C ILE A 531 6.24 13.72 -10.00
N LEU A 532 5.77 12.57 -10.47
CA LEU A 532 4.75 12.58 -11.51
C LEU A 532 3.56 11.73 -11.09
N THR A 533 3.37 10.57 -11.71
CA THR A 533 2.16 9.78 -11.49
C THR A 533 2.53 8.37 -11.02
N GLY A 534 2.21 8.10 -9.76
CA GLY A 534 2.26 6.76 -9.21
C GLY A 534 1.10 6.59 -8.24
N MET A 535 1.40 6.23 -6.99
CA MET A 535 0.38 6.27 -5.95
C MET A 535 1.01 6.32 -4.56
N GLY A 536 2.32 6.09 -4.50
CA GLY A 536 2.99 6.08 -3.21
C GLY A 536 3.26 7.48 -2.68
N GLU A 537 3.33 7.57 -1.35
CA GLU A 537 3.73 8.80 -0.66
C GLU A 537 5.23 8.87 -0.46
N ASP A 538 5.99 7.96 -1.07
CA ASP A 538 7.44 7.96 -0.94
C ASP A 538 8.02 9.32 -1.28
N GLY A 539 7.79 9.78 -2.50
CA GLY A 539 8.28 11.08 -2.93
C GLY A 539 7.57 12.25 -2.27
N ALA A 540 7.23 12.11 -1.01
CA ALA A 540 6.69 13.19 -0.20
C ALA A 540 7.47 13.36 1.10
N ASP A 541 7.92 12.27 1.71
CA ASP A 541 8.76 12.33 2.90
C ASP A 541 10.24 12.15 2.57
N GLY A 542 10.58 12.09 1.28
CA GLY A 542 11.97 11.94 0.88
C GLY A 542 12.53 13.19 0.24
N ILE A 543 11.87 13.70 -0.81
CA ILE A 543 12.28 14.95 -1.43
C ILE A 543 11.76 16.10 -0.58
N ARG A 544 11.19 15.78 0.58
CA ARG A 544 10.82 16.82 1.53
C ARG A 544 12.04 17.60 1.99
N ARG A 545 13.19 16.94 2.11
CA ARG A 545 14.42 17.58 2.59
C ARG A 545 15.18 18.27 1.46
N ILE A 546 15.03 17.80 0.22
CA ILE A 546 15.69 18.45 -0.90
C ILE A 546 15.08 19.83 -1.15
N LYS A 547 13.80 20.01 -0.82
CA LYS A 547 13.18 21.33 -0.87
C LYS A 547 13.06 21.98 0.50
N GLN A 548 13.36 21.26 1.58
CA GLN A 548 13.58 21.87 2.88
C GLN A 548 14.95 22.54 2.99
N ALA A 549 15.64 22.70 1.86
CA ALA A 549 16.98 23.27 1.82
C ALA A 549 17.23 23.95 0.49
N GLY A 550 17.54 23.17 -0.54
CA GLY A 550 17.81 23.71 -1.85
C GLY A 550 17.91 22.66 -2.94
N GLY A 551 16.77 22.32 -3.54
CA GLY A 551 16.72 21.34 -4.60
C GLY A 551 15.29 21.16 -5.09
N LYS A 552 15.04 21.58 -6.33
CA LYS A 552 13.67 21.73 -6.81
C LYS A 552 12.91 20.41 -6.80
N THR A 553 11.64 20.49 -6.41
CA THR A 553 10.74 19.34 -6.39
C THR A 553 9.57 19.63 -7.32
N ILE A 554 9.37 18.75 -8.31
CA ILE A 554 8.30 18.92 -9.27
C ILE A 554 7.22 17.88 -9.03
N GLN A 556 2.79 17.30 -10.09
CA GLN A 556 1.83 16.97 -11.14
C GLN A 556 0.54 17.79 -10.97
N ASP A 557 -0.16 18.04 -12.07
CA ASP A 557 -1.51 18.59 -12.05
C ASP A 557 -2.46 17.61 -12.71
N GLU A 558 -3.76 17.84 -12.50
CA GLU A 558 -4.76 16.80 -12.73
C GLU A 558 -5.09 16.59 -14.21
N ALA A 559 -5.04 17.64 -15.02
CA ALA A 559 -5.65 17.60 -16.36
C ALA A 559 -5.12 16.46 -17.22
N THR A 560 -3.86 16.07 -17.05
CA THR A 560 -3.22 15.17 -17.99
C THR A 560 -3.51 13.70 -17.67
N SER A 561 -3.19 13.27 -16.46
CA SER A 561 -3.18 11.84 -16.16
C SER A 561 -4.54 11.31 -15.77
N ALA A 562 -4.58 10.47 -14.72
CA ALA A 562 -5.79 9.75 -14.37
C ALA A 562 -6.01 9.73 -12.86
N VAL A 563 -5.54 8.68 -12.19
CA VAL A 563 -5.72 8.50 -10.75
C VAL A 563 -4.55 9.13 -10.01
N TYR A 564 -4.86 9.86 -8.94
CA TYR A 564 -3.87 10.67 -8.23
C TYR A 564 -3.82 10.21 -6.78
N GLY A 565 -2.80 9.44 -6.45
CA GLY A 565 -2.55 9.03 -5.08
C GLY A 565 -1.13 9.37 -4.68
N MET A 566 -0.26 9.49 -5.67
CA MET A 566 1.09 9.99 -5.50
C MET A 566 1.08 11.52 -5.57
N PRO A 567 0.32 12.13 -6.47
CA PRO A 567 0.07 13.58 -6.35
C PRO A 567 -1.11 13.96 -5.49
N LYS A 568 -1.84 13.00 -4.92
CA LYS A 568 -2.94 13.32 -4.01
C LYS A 568 -2.45 14.21 -2.87
N ARG A 569 -1.34 13.85 -2.27
CA ARG A 569 -0.69 14.67 -1.25
C ARG A 569 0.52 15.39 -1.83
N ALA A 570 0.26 16.16 -2.88
CA ALA A 570 1.29 16.99 -3.51
C ALA A 570 1.14 18.46 -3.15
N ALA A 571 0.26 18.80 -2.21
CA ALA A 571 0.10 20.17 -1.75
C ALA A 571 -0.03 20.28 -0.23
N GLU A 572 -0.13 19.17 0.50
CA GLU A 572 -0.22 19.21 1.95
C GLU A 572 1.07 19.66 2.61
N THR A 573 2.17 19.73 1.87
CA THR A 573 3.48 20.06 2.42
C THR A 573 3.93 21.48 2.07
N GLY A 574 3.80 21.87 0.81
CA GLY A 574 4.27 23.17 0.36
C GLY A 574 5.69 23.19 -0.15
N CYS A 575 6.43 22.10 0.00
CA CYS A 575 7.79 22.05 -0.56
C CYS A 575 7.76 22.14 -2.08
N VAL A 576 6.70 21.65 -2.72
CA VAL A 576 6.56 21.79 -4.15
C VAL A 576 6.52 23.26 -4.52
N ASP A 577 7.15 23.61 -5.64
CA ASP A 577 7.12 24.99 -6.09
C ASP A 577 5.70 25.42 -6.48
N THR A 578 5.04 24.63 -7.33
CA THR A 578 3.72 24.97 -7.82
C THR A 578 2.96 23.71 -8.20
N VAL A 579 2.02 23.80 -9.13
CA VAL A 579 1.46 22.65 -9.79
C VAL A 579 2.15 22.51 -11.14
N LEU A 580 1.86 21.41 -11.85
CA LEU A 580 2.50 21.17 -13.14
C LEU A 580 1.91 19.96 -13.84
N PRO A 581 1.03 20.14 -14.82
CA PRO A 581 0.58 18.99 -15.62
C PRO A 581 1.62 18.63 -16.68
N ILE A 582 1.26 17.77 -17.62
CA ILE A 582 2.22 17.18 -18.55
C ILE A 582 1.91 17.63 -19.96
N ASP A 583 2.97 18.01 -20.69
CA ASP A 583 2.92 18.21 -22.13
C ASP A 583 4.35 18.29 -22.67
N ASP A 584 4.99 19.45 -22.50
CA ASP A 584 6.36 19.67 -22.91
C ASP A 584 7.16 20.02 -21.65
N ILE A 585 7.45 18.99 -20.85
CA ILE A 585 8.09 19.20 -19.55
C ILE A 585 9.54 19.64 -19.71
N ALA A 586 10.22 19.14 -20.76
CA ALA A 586 11.64 19.42 -20.92
C ALA A 586 11.92 20.91 -21.09
N ASP A 587 10.94 21.68 -21.57
CA ASP A 587 11.13 23.13 -21.67
C ASP A 587 11.45 23.72 -20.30
N GLY A 588 10.86 23.17 -19.24
CA GLY A 588 11.11 23.65 -17.90
C GLY A 588 12.14 22.84 -17.14
N VAL A 589 12.13 21.51 -17.32
CA VAL A 589 13.07 20.65 -16.62
C VAL A 589 14.47 20.76 -17.18
N ILE A 590 14.66 21.50 -18.27
CA ILE A 590 15.97 21.95 -18.68
C ILE A 590 16.20 23.40 -18.22
N ASP A 591 15.13 24.17 -18.03
CA ASP A 591 15.29 25.51 -17.47
C ASP A 591 15.65 25.49 -15.98
N THR A 592 15.54 24.34 -15.31
CA THR A 592 16.07 24.22 -13.95
C THR A 592 17.57 23.95 -13.93
N ILE A 593 18.18 23.72 -15.08
CA ILE A 593 19.63 23.54 -15.18
C ILE A 593 20.19 24.73 -15.95
N THR A 594 19.80 25.93 -15.53
CA THR A 594 20.18 27.17 -16.20
C THR A 594 20.81 28.19 -15.26
N THR A 595 20.29 28.36 -14.05
CA THR A 595 20.78 29.40 -13.15
C THR A 595 21.59 28.87 -11.97
N GLU A 596 21.33 27.63 -11.53
CA GLU A 596 22.10 27.08 -10.41
C GLU A 596 23.34 26.32 -10.86
N VAL A 597 23.41 25.94 -12.14
CA VAL A 597 24.63 25.35 -12.69
C VAL A 597 25.56 26.40 -13.27
N THR A 598 25.09 27.62 -13.49
CA THR A 598 25.91 28.68 -14.04
C THR A 598 26.41 29.61 -12.94
#